data_6WME
#
_entry.id   6WME
#
_cell.length_a   78.709
_cell.length_b   78.709
_cell.length_c   173.278
_cell.angle_alpha   90.000
_cell.angle_beta   90.000
_cell.angle_gamma   120.000
#
_symmetry.space_group_name_H-M   'P 63 2 2'
#
loop_
_entity.id
_entity.type
_entity.pdbx_description
1 polymer 'SUN domain-containing protein 2'
2 polymer Nesprin-3
3 non-polymer 'POTASSIUM ION'
4 water water
#
loop_
_entity_poly.entity_id
_entity_poly.type
_entity_poly.pdbx_seq_one_letter_code
_entity_poly.pdbx_strand_id
1 'polypeptide(L)'
;GPGGSGGVTEEQVHHIVKDALQRYSEDRIGLADYALESGGASVISTRCSETYETKTALISLFGIPLWYHSQSPRVILQPD
VHPGNCWAFQGPQGFAVVRLSARIRPTAVTLEHVPKALSPNSTISSAPKDFAIFGFDEDLQQEGTLLGKFTYDQDGEPIQ
TFHFQAPGRGTYQVVELRILTNWGHPEYTCIYRFRVHGEPAH
;
A
2 'polypeptide(L)' GPGGSGEEDRSCTLANNFARSFTLMLRYNGPPPT B
#
# COMPACT_ATOMS: atom_id res chain seq x y z
N GLY A 7 40.42 -9.32 -8.89
CA GLY A 7 39.45 -8.58 -8.11
C GLY A 7 38.74 -7.52 -8.93
N VAL A 8 38.25 -6.48 -8.27
CA VAL A 8 37.53 -5.41 -8.95
C VAL A 8 38.37 -4.15 -8.87
N THR A 9 38.20 -3.26 -9.84
CA THR A 9 38.89 -1.98 -9.81
C THR A 9 38.07 -0.95 -9.04
N GLU A 10 38.74 0.15 -8.67
CA GLU A 10 38.04 1.26 -8.00
C GLU A 10 36.95 1.85 -8.89
N GLU A 11 37.23 2.01 -10.19
CA GLU A 11 36.24 2.57 -11.10
C GLU A 11 35.01 1.65 -11.19
N GLN A 12 35.25 0.34 -11.18
CA GLN A 12 34.16 -0.63 -11.21
C GLN A 12 33.29 -0.54 -9.96
N VAL A 13 33.91 -0.37 -8.78
CA VAL A 13 33.11 -0.23 -7.55
C VAL A 13 32.22 1.01 -7.65
N HIS A 14 32.76 2.12 -8.13
CA HIS A 14 31.97 3.35 -8.24
C HIS A 14 30.80 3.17 -9.20
N HIS A 15 31.00 2.44 -10.30
CA HIS A 15 29.91 2.20 -11.23
C HIS A 15 28.80 1.36 -10.58
N ILE A 16 29.18 0.32 -9.83
CA ILE A 16 28.21 -0.52 -9.15
C ILE A 16 27.38 0.29 -8.17
N VAL A 17 28.04 1.15 -7.38
CA VAL A 17 27.33 1.99 -6.41
C VAL A 17 26.43 2.98 -7.12
N LYS A 18 26.92 3.62 -8.18
CA LYS A 18 26.09 4.57 -8.94
C LYS A 18 24.82 3.91 -9.45
N ASP A 19 24.95 2.74 -10.06
CA ASP A 19 23.77 2.04 -10.58
C ASP A 19 22.80 1.66 -9.48
N ALA A 20 23.34 1.22 -8.33
CA ALA A 20 22.49 0.81 -7.22
C ALA A 20 21.70 1.98 -6.66
N LEU A 21 22.33 3.14 -6.54
CA LEU A 21 21.61 4.31 -6.02
C LEU A 21 20.63 4.84 -7.04
N GLN A 22 20.92 4.69 -8.33
CA GLN A 22 19.93 5.13 -9.31
C GLN A 22 18.68 4.27 -9.26
N ARG A 23 18.84 2.94 -9.17
CA ARG A 23 17.68 2.07 -8.97
C ARG A 23 16.95 2.41 -7.68
N TYR A 24 17.69 2.68 -6.60
CA TYR A 24 17.08 3.06 -5.33
C TYR A 24 16.17 4.27 -5.50
N SER A 25 16.67 5.28 -6.23
CA SER A 25 15.93 6.53 -6.41
C SER A 25 14.71 6.38 -7.30
N GLU A 26 14.65 5.33 -8.14
CA GLU A 26 13.52 5.10 -9.05
C GLU A 26 12.43 4.31 -8.33
N ASP A 27 11.92 4.87 -7.24
CA ASP A 27 10.87 4.19 -6.45
C ASP A 27 11.32 2.78 -6.04
N ARG A 28 12.63 2.62 -5.79
CA ARG A 28 13.30 1.41 -5.31
C ARG A 28 13.39 0.28 -6.35
N ILE A 29 12.38 0.13 -7.21
CA ILE A 29 12.29 -1.03 -8.08
C ILE A 29 12.29 -0.68 -9.56
N GLY A 30 12.23 0.60 -9.92
CA GLY A 30 12.38 0.97 -11.32
C GLY A 30 11.26 0.56 -12.25
N LEU A 31 10.04 0.41 -11.73
CA LEU A 31 8.85 0.08 -12.51
C LEU A 31 7.80 1.15 -12.29
N ALA A 32 7.20 1.66 -13.37
CA ALA A 32 6.11 2.61 -13.26
C ALA A 32 4.95 1.99 -12.48
N ASP A 33 4.31 2.80 -11.65
CA ASP A 33 3.22 2.36 -10.77
C ASP A 33 1.93 3.06 -11.17
N TYR A 34 1.02 2.31 -11.81
CA TYR A 34 -0.27 2.85 -12.23
C TYR A 34 -1.29 2.91 -11.08
N ALA A 35 -0.92 2.46 -9.89
CA ALA A 35 -1.76 2.63 -8.71
C ALA A 35 -1.32 3.80 -7.83
N LEU A 36 -0.28 4.54 -8.22
CA LEU A 36 0.16 5.68 -7.42
C LEU A 36 -0.85 6.82 -7.46
N GLU A 37 -1.30 7.29 -6.29
CA GLU A 37 -2.36 8.30 -6.26
C GLU A 37 -1.94 9.58 -6.97
N SER A 38 -0.71 10.05 -6.74
CA SER A 38 -0.30 11.32 -7.34
C SER A 38 -0.21 11.24 -8.86
N GLY A 39 -0.01 10.04 -9.41
CA GLY A 39 -0.03 9.85 -10.84
C GLY A 39 -1.40 9.75 -11.45
N GLY A 40 -2.47 9.75 -10.63
CA GLY A 40 -3.81 9.66 -11.17
C GLY A 40 -4.65 8.47 -10.73
N ALA A 41 -4.17 7.68 -9.78
CA ALA A 41 -4.97 6.55 -9.30
C ALA A 41 -5.83 6.99 -8.12
N SER A 42 -6.92 6.24 -7.90
CA SER A 42 -7.75 6.57 -6.75
C SER A 42 -8.50 5.33 -6.28
N VAL A 43 -8.87 5.31 -5.01
CA VAL A 43 -9.66 4.22 -4.46
C VAL A 43 -11.13 4.46 -4.78
N ILE A 44 -11.88 3.38 -4.90
CA ILE A 44 -13.34 3.44 -4.95
C ILE A 44 -13.82 3.10 -3.54
N SER A 45 -14.10 4.15 -2.75
CA SER A 45 -14.24 3.96 -1.30
C SER A 45 -15.44 3.07 -0.95
N THR A 46 -16.53 3.18 -1.72
CA THR A 46 -17.69 2.33 -1.42
C THR A 46 -17.42 0.86 -1.70
N ARG A 47 -16.33 0.54 -2.40
CA ARG A 47 -15.98 -0.83 -2.72
C ARG A 47 -14.76 -1.33 -1.94
N CYS A 48 -14.34 -0.63 -0.90
CA CYS A 48 -13.35 -1.18 0.03
C CYS A 48 -14.00 -1.63 1.33
N SER A 49 -13.24 -2.47 2.04
CA SER A 49 -13.56 -2.83 3.41
C SER A 49 -13.73 -1.60 4.28
N GLU A 50 -14.60 -1.73 5.29
CA GLU A 50 -14.69 -0.70 6.31
C GLU A 50 -13.33 -0.48 6.97
N THR A 51 -12.99 0.78 7.19
CA THR A 51 -11.74 1.08 7.89
C THR A 51 -11.88 0.71 9.37
N TYR A 52 -10.84 0.06 9.89
CA TYR A 52 -10.72 -0.22 11.31
C TYR A 52 -10.61 1.09 12.07
N GLU A 53 -11.63 1.47 12.82
CA GLU A 53 -11.61 2.72 13.56
C GLU A 53 -11.35 2.42 15.03
N THR A 54 -10.35 3.10 15.57
CA THR A 54 -9.73 2.76 16.84
C THR A 54 -10.01 3.75 17.94
N LYS A 55 -10.27 5.01 17.57
CA LYS A 55 -10.50 6.11 18.51
C LYS A 55 -9.34 6.31 19.49
N THR A 56 -8.11 5.97 19.11
CA THR A 56 -6.98 6.28 19.99
C THR A 56 -6.24 7.56 19.59
N ALA A 57 -6.51 8.11 18.42
CA ALA A 57 -5.80 9.28 17.92
C ALA A 57 -6.79 10.44 17.85
N LEU A 58 -6.54 11.48 18.64
CA LEU A 58 -7.47 12.59 18.79
C LEU A 58 -6.85 13.88 18.26
N ILE A 59 -7.55 14.54 17.33
CA ILE A 59 -7.13 15.82 16.78
C ILE A 59 -7.88 16.91 17.51
N SER A 60 -7.18 17.97 17.89
CA SER A 60 -7.81 19.04 18.67
C SER A 60 -7.24 20.39 18.29
N LEU A 61 -7.82 21.44 18.86
CA LEU A 61 -7.38 22.81 18.64
C LEU A 61 -7.45 23.57 19.95
N PHE A 62 -6.33 24.21 20.33
CA PHE A 62 -6.25 25.00 21.57
C PHE A 62 -6.63 24.16 22.78
N GLY A 63 -6.45 22.84 22.70
CA GLY A 63 -6.85 21.94 23.75
C GLY A 63 -8.29 21.45 23.69
N ILE A 64 -9.11 21.98 22.77
CA ILE A 64 -10.51 21.59 22.72
C ILE A 64 -10.65 20.39 21.78
N PRO A 65 -11.32 19.31 22.20
CA PRO A 65 -11.43 18.13 21.33
C PRO A 65 -12.19 18.45 20.06
N LEU A 66 -11.84 17.74 18.98
CA LEU A 66 -12.44 17.88 17.65
C LEU A 66 -12.92 16.54 17.07
N TRP A 67 -11.99 15.72 16.58
CA TRP A 67 -12.32 14.49 15.85
C TRP A 67 -11.19 13.47 15.97
N TYR A 68 -11.51 12.22 15.61
CA TYR A 68 -10.55 11.12 15.58
C TYR A 68 -9.80 11.05 14.26
N HIS A 69 -8.55 10.61 14.34
CA HIS A 69 -7.66 10.51 13.19
C HIS A 69 -7.51 9.03 12.84
N SER A 70 -7.81 8.69 11.59
CA SER A 70 -7.61 7.33 11.11
C SER A 70 -7.15 7.38 9.66
N GLN A 71 -6.47 6.33 9.23
CA GLN A 71 -5.93 6.28 7.88
C GLN A 71 -6.94 5.65 6.94
N SER A 72 -7.25 6.34 5.85
CA SER A 72 -8.24 5.87 4.89
C SER A 72 -7.58 4.96 3.87
N PRO A 73 -8.36 4.28 3.02
CA PRO A 73 -7.74 3.40 2.01
C PRO A 73 -6.85 4.14 1.02
N ARG A 74 -7.00 5.47 0.90
CA ARG A 74 -6.09 6.25 0.04
C ARG A 74 -4.63 6.01 0.38
N VAL A 75 -4.32 5.70 1.63
N VAL A 75 -4.36 5.69 1.65
CA VAL A 75 -2.90 5.66 1.99
CA VAL A 75 -2.99 5.55 2.13
C VAL A 75 -2.18 4.46 1.37
C VAL A 75 -2.21 4.49 1.35
N ILE A 76 -2.89 3.43 0.90
CA ILE A 76 -2.19 2.33 0.22
C ILE A 76 -1.66 2.73 -1.16
N LEU A 77 -2.07 3.89 -1.66
CA LEU A 77 -1.62 4.44 -2.92
C LEU A 77 -0.63 5.58 -2.72
N GLN A 78 -0.04 5.68 -1.52
CA GLN A 78 0.83 6.80 -1.19
C GLN A 78 2.19 6.25 -0.73
N PRO A 79 3.28 6.94 -1.08
CA PRO A 79 4.61 6.32 -0.92
C PRO A 79 5.18 6.33 0.49
N ASP A 80 4.73 7.20 1.39
CA ASP A 80 5.26 7.22 2.74
C ASP A 80 4.87 5.92 3.44
N VAL A 81 5.87 5.15 3.89
CA VAL A 81 5.57 3.86 4.54
C VAL A 81 6.24 3.75 5.89
N HIS A 82 6.41 4.88 6.59
CA HIS A 82 6.85 4.83 7.96
C HIS A 82 5.82 4.09 8.80
N PRO A 83 6.22 3.50 9.92
CA PRO A 83 5.27 2.75 10.76
C PRO A 83 3.99 3.54 11.03
N GLY A 84 2.85 2.88 10.78
CA GLY A 84 1.54 3.48 10.99
C GLY A 84 0.98 4.22 9.80
N ASN A 85 1.79 4.47 8.76
CA ASN A 85 1.29 5.08 7.52
C ASN A 85 0.76 3.97 6.61
N CYS A 86 -0.32 3.35 7.09
CA CYS A 86 -0.90 2.14 6.52
C CYS A 86 -2.40 2.17 6.77
N TRP A 87 -3.14 1.52 5.87
CA TRP A 87 -4.58 1.37 6.03
C TRP A 87 -4.87 0.05 6.73
N ALA A 88 -5.73 0.10 7.75
CA ALA A 88 -6.07 -1.10 8.51
C ALA A 88 -7.55 -1.43 8.34
N PHE A 89 -7.84 -2.72 8.20
CA PHE A 89 -9.20 -3.22 8.30
C PHE A 89 -9.27 -4.29 9.38
N GLN A 90 -10.48 -4.57 9.84
CA GLN A 90 -10.70 -5.50 10.93
C GLN A 90 -10.54 -6.94 10.46
N GLY A 91 -9.79 -7.73 11.22
CA GLY A 91 -9.63 -9.15 10.94
C GLY A 91 -8.64 -9.43 9.83
N PRO A 92 -8.57 -10.69 9.40
CA PRO A 92 -7.56 -11.11 8.40
C PRO A 92 -8.04 -11.15 6.96
N GLN A 93 -9.28 -10.80 6.67
CA GLN A 93 -9.82 -10.77 5.31
C GLN A 93 -10.35 -9.37 5.02
N GLY A 94 -9.96 -8.81 3.88
CA GLY A 94 -10.41 -7.49 3.49
C GLY A 94 -10.05 -7.27 2.04
N PHE A 95 -10.44 -6.10 1.53
CA PHE A 95 -10.27 -5.83 0.11
C PHE A 95 -10.28 -4.34 -0.15
N ALA A 96 -9.64 -3.95 -1.24
CA ALA A 96 -9.64 -2.58 -1.72
C ALA A 96 -9.73 -2.58 -3.24
N VAL A 97 -10.53 -1.65 -3.77
CA VAL A 97 -10.72 -1.50 -5.21
C VAL A 97 -10.11 -0.19 -5.65
N VAL A 98 -9.31 -0.24 -6.72
CA VAL A 98 -8.52 0.90 -7.19
C VAL A 98 -8.82 1.16 -8.65
N ARG A 99 -9.12 2.41 -8.98
CA ARG A 99 -9.12 2.87 -10.36
C ARG A 99 -7.71 3.33 -10.70
N LEU A 100 -7.01 2.58 -11.55
CA LEU A 100 -5.65 2.91 -11.95
C LEU A 100 -5.63 4.21 -12.74
N SER A 101 -4.44 4.79 -12.88
CA SER A 101 -4.33 6.07 -13.55
C SER A 101 -4.54 5.96 -15.06
N ALA A 102 -4.32 4.78 -15.62
CA ALA A 102 -4.58 4.52 -17.03
C ALA A 102 -5.01 3.07 -17.18
N ARG A 103 -5.66 2.76 -18.30
CA ARG A 103 -5.96 1.39 -18.64
C ARG A 103 -4.70 0.70 -19.15
N ILE A 104 -4.34 -0.44 -18.53
CA ILE A 104 -3.09 -1.12 -18.82
C ILE A 104 -3.32 -2.61 -18.96
N ARG A 105 -2.31 -3.28 -19.52
CA ARG A 105 -2.21 -4.71 -19.41
C ARG A 105 -1.33 -5.05 -18.18
N PRO A 106 -1.92 -5.49 -17.09
CA PRO A 106 -1.09 -5.71 -15.87
C PRO A 106 -0.11 -6.87 -16.04
N THR A 107 1.12 -6.62 -15.60
CA THR A 107 2.19 -7.62 -15.64
C THR A 107 2.72 -8.00 -14.26
N ALA A 108 2.52 -7.16 -13.25
CA ALA A 108 3.05 -7.45 -11.92
C ALA A 108 2.35 -6.54 -10.92
N VAL A 109 2.41 -6.94 -9.66
CA VAL A 109 2.01 -6.06 -8.57
C VAL A 109 3.12 -6.08 -7.54
N THR A 110 3.15 -5.07 -6.70
CA THR A 110 4.12 -4.96 -5.63
C THR A 110 3.37 -4.65 -4.34
N LEU A 111 3.72 -5.36 -3.27
CA LEU A 111 3.24 -5.08 -1.94
C LEU A 111 4.43 -4.84 -1.03
N GLU A 112 4.30 -3.90 -0.10
CA GLU A 112 5.36 -3.75 0.87
C GLU A 112 4.77 -3.57 2.26
N HIS A 113 5.60 -3.84 3.26
CA HIS A 113 5.24 -3.72 4.65
C HIS A 113 6.40 -3.08 5.39
N VAL A 114 6.15 -2.60 6.60
CA VAL A 114 7.24 -2.01 7.38
C VAL A 114 8.28 -3.09 7.69
N PRO A 115 9.58 -2.77 7.69
CA PRO A 115 10.59 -3.78 8.00
C PRO A 115 10.48 -4.29 9.44
N LYS A 116 10.86 -5.56 9.63
CA LYS A 116 10.89 -6.11 10.98
C LYS A 116 11.76 -5.27 11.91
N ALA A 117 12.88 -4.74 11.41
CA ALA A 117 13.80 -3.98 12.25
C ALA A 117 13.14 -2.74 12.87
N LEU A 118 12.06 -2.23 12.28
CA LEU A 118 11.42 -1.02 12.78
C LEU A 118 10.17 -1.32 13.60
N SER A 119 9.94 -2.58 13.91
CA SER A 119 8.76 -3.05 14.59
C SER A 119 9.12 -3.62 15.94
N PRO A 120 8.29 -3.40 16.97
CA PRO A 120 8.56 -4.03 18.26
C PRO A 120 8.63 -5.55 18.13
N ASN A 121 9.61 -6.14 18.82
CA ASN A 121 9.86 -7.58 18.87
C ASN A 121 10.20 -8.16 17.50
N SER A 122 10.51 -7.31 16.52
CA SER A 122 10.92 -7.76 15.18
C SER A 122 9.87 -8.66 14.54
N THR A 123 8.59 -8.36 14.79
CA THR A 123 7.47 -9.14 14.26
C THR A 123 6.51 -8.23 13.52
N ILE A 124 5.94 -8.74 12.43
CA ILE A 124 5.01 -7.98 11.60
C ILE A 124 3.74 -8.79 11.37
N SER A 125 3.07 -9.21 12.45
CA SER A 125 1.93 -10.11 12.30
C SER A 125 0.74 -9.46 11.61
N SER A 126 0.68 -8.14 11.56
CA SER A 126 -0.42 -7.49 10.85
C SER A 126 -0.24 -7.49 9.34
N ALA A 127 0.88 -7.97 8.82
CA ALA A 127 1.13 -7.96 7.39
C ALA A 127 0.16 -8.88 6.65
N PRO A 128 -0.21 -8.53 5.42
CA PRO A 128 -0.97 -9.46 4.59
C PRO A 128 -0.13 -10.70 4.30
N LYS A 129 -0.81 -11.84 4.18
CA LYS A 129 -0.16 -13.09 3.82
C LYS A 129 -0.64 -13.52 2.46
N ASP A 130 -1.67 -14.34 2.34
CA ASP A 130 -2.17 -14.76 1.03
C ASP A 130 -3.07 -13.68 0.46
N PHE A 131 -2.93 -13.41 -0.83
CA PHE A 131 -3.77 -12.39 -1.45
C PHE A 131 -4.02 -12.77 -2.91
N ALA A 132 -4.98 -12.07 -3.51
CA ALA A 132 -5.37 -12.29 -4.90
C ALA A 132 -5.69 -10.95 -5.55
N ILE A 133 -5.42 -10.86 -6.85
CA ILE A 133 -5.64 -9.65 -7.63
C ILE A 133 -6.72 -9.95 -8.67
N PHE A 134 -7.73 -9.10 -8.74
CA PHE A 134 -8.79 -9.24 -9.72
C PHE A 134 -8.84 -8.02 -10.62
N GLY A 135 -9.20 -8.24 -11.88
CA GLY A 135 -9.41 -7.15 -12.82
C GLY A 135 -10.88 -7.10 -13.26
N PHE A 136 -11.38 -5.90 -13.44
CA PHE A 136 -12.79 -5.67 -13.81
C PHE A 136 -12.78 -5.12 -15.23
N ASP A 137 -13.12 -5.99 -16.19
CA ASP A 137 -13.01 -5.68 -17.61
C ASP A 137 -13.78 -4.40 -17.96
N GLU A 138 -15.06 -4.36 -17.60
CA GLU A 138 -15.84 -3.13 -17.67
C GLU A 138 -15.74 -2.41 -16.34
N ASP A 139 -15.51 -1.09 -16.40
CA ASP A 139 -15.18 -0.33 -15.19
C ASP A 139 -16.24 -0.47 -14.10
N LEU A 140 -17.51 -0.65 -14.47
CA LEU A 140 -18.60 -0.66 -13.51
C LEU A 140 -19.11 -2.06 -13.18
N GLN A 141 -18.51 -3.10 -13.73
CA GLN A 141 -18.96 -4.46 -13.43
C GLN A 141 -18.56 -4.86 -12.01
N GLN A 142 -19.36 -5.72 -11.40
CA GLN A 142 -19.16 -6.13 -10.02
C GLN A 142 -18.51 -7.50 -9.88
N GLU A 143 -18.31 -8.21 -11.00
CA GLU A 143 -17.76 -9.56 -11.00
C GLU A 143 -16.39 -9.52 -11.67
N GLY A 144 -15.33 -9.83 -10.90
CA GLY A 144 -13.97 -9.67 -11.38
C GLY A 144 -13.34 -10.94 -11.91
N THR A 145 -12.26 -10.77 -12.66
CA THR A 145 -11.49 -11.87 -13.22
C THR A 145 -10.20 -12.04 -12.43
N LEU A 146 -9.93 -13.27 -12.01
CA LEU A 146 -8.72 -13.55 -11.25
C LEU A 146 -7.49 -13.38 -12.15
N LEU A 147 -6.60 -12.47 -11.75
CA LEU A 147 -5.33 -12.27 -12.44
C LEU A 147 -4.19 -13.05 -11.82
N GLY A 148 -4.23 -13.29 -10.51
CA GLY A 148 -3.17 -14.06 -9.86
C GLY A 148 -3.37 -14.17 -8.35
N LYS A 149 -2.83 -15.24 -7.77
CA LYS A 149 -2.81 -15.45 -6.33
C LYS A 149 -1.35 -15.55 -5.88
N PHE A 150 -1.01 -14.85 -4.80
CA PHE A 150 0.36 -14.79 -4.30
C PHE A 150 0.36 -14.80 -2.78
N THR A 151 1.55 -14.86 -2.20
CA THR A 151 1.74 -14.82 -0.76
C THR A 151 2.85 -13.82 -0.43
N TYR A 152 2.53 -12.82 0.39
CA TYR A 152 3.58 -11.93 0.92
C TYR A 152 4.34 -12.67 2.02
N ASP A 153 5.66 -12.74 1.88
CA ASP A 153 6.52 -13.52 2.77
C ASP A 153 7.00 -12.63 3.91
N GLN A 154 6.51 -12.87 5.13
CA GLN A 154 6.92 -12.05 6.28
C GLN A 154 8.42 -12.18 6.56
N ASP A 155 9.07 -13.23 6.07
CA ASP A 155 10.51 -13.40 6.22
C ASP A 155 11.31 -12.91 5.02
N GLY A 156 10.65 -12.28 4.04
CA GLY A 156 11.32 -11.78 2.86
C GLY A 156 11.70 -10.31 3.00
N GLU A 157 12.08 -9.73 1.86
CA GLU A 157 12.39 -8.31 1.84
C GLU A 157 11.12 -7.50 2.07
N PRO A 158 11.26 -6.30 2.64
CA PRO A 158 10.05 -5.49 2.87
C PRO A 158 9.22 -5.24 1.61
N ILE A 159 9.86 -4.93 0.49
CA ILE A 159 9.17 -4.74 -0.79
C ILE A 159 9.26 -6.03 -1.59
N GLN A 160 8.12 -6.54 -2.03
CA GLN A 160 8.06 -7.79 -2.79
C GLN A 160 7.23 -7.57 -4.06
N THR A 161 7.77 -8.00 -5.19
CA THR A 161 7.12 -7.86 -6.48
C THR A 161 6.73 -9.24 -6.99
N PHE A 162 5.53 -9.33 -7.56
CA PHE A 162 4.90 -10.58 -7.95
C PHE A 162 4.50 -10.48 -9.41
N HIS A 163 5.03 -11.36 -10.25
CA HIS A 163 4.79 -11.31 -11.69
C HIS A 163 3.68 -12.27 -12.06
N PHE A 164 2.72 -11.78 -12.84
CA PHE A 164 1.60 -12.63 -13.22
C PHE A 164 2.13 -13.78 -14.04
N GLN A 165 1.92 -14.99 -13.52
CA GLN A 165 2.72 -16.14 -13.95
C GLN A 165 2.50 -16.47 -15.40
N ALA A 166 1.25 -16.48 -15.85
N ALA A 166 1.25 -16.41 -15.85
CA ALA A 166 1.16 -17.02 -17.18
CA ALA A 166 0.89 -16.60 -17.25
C ALA A 166 0.84 -15.85 -18.12
C ALA A 166 -0.03 -15.46 -17.63
N PRO A 167 -0.39 -15.57 -18.55
N PRO A 167 0.49 -14.27 -17.89
CA PRO A 167 -0.51 -14.69 -19.72
CA PRO A 167 -0.40 -13.11 -18.00
C PRO A 167 -0.89 -13.24 -19.48
C PRO A 167 -1.23 -13.05 -19.29
N GLY A 168 -0.63 -12.44 -20.50
N GLY A 168 -2.54 -12.80 -19.17
CA GLY A 168 -1.55 -11.37 -20.83
CA GLY A 168 -3.44 -12.90 -20.29
C GLY A 168 -2.98 -11.88 -20.83
C GLY A 168 -3.91 -11.56 -20.83
N ARG A 169 -3.93 -11.00 -21.14
N ARG A 169 -3.11 -11.05 -21.74
CA ARG A 169 -5.34 -11.22 -20.82
CA ARG A 169 -3.01 -9.67 -22.20
C ARG A 169 -6.13 -10.03 -21.29
C ARG A 169 -4.23 -8.73 -22.34
N GLY A 170 -5.49 -8.99 -21.83
CA GLY A 170 -6.39 -7.88 -22.02
C GLY A 170 -6.09 -6.76 -21.05
N THR A 171 -6.78 -5.65 -21.22
CA THR A 171 -6.48 -4.49 -20.41
C THR A 171 -7.54 -4.28 -19.32
N TYR A 172 -7.16 -3.53 -18.28
CA TYR A 172 -8.04 -3.18 -17.16
C TYR A 172 -7.66 -1.81 -16.62
N GLN A 173 -8.65 -1.07 -16.13
CA GLN A 173 -8.38 0.12 -15.33
C GLN A 173 -8.81 -0.01 -13.88
N VAL A 174 -9.71 -0.93 -13.56
CA VAL A 174 -10.20 -1.13 -12.20
C VAL A 174 -9.69 -2.49 -11.73
N VAL A 175 -9.00 -2.52 -10.58
CA VAL A 175 -8.44 -3.74 -10.03
C VAL A 175 -8.82 -3.83 -8.55
N GLU A 176 -8.82 -5.05 -8.04
CA GLU A 176 -9.09 -5.29 -6.63
C GLU A 176 -7.94 -6.06 -6.02
N LEU A 177 -7.45 -5.55 -4.88
CA LEU A 177 -6.56 -6.28 -4.00
C LEU A 177 -7.41 -6.98 -2.94
N ARG A 178 -7.42 -8.31 -2.95
CA ARG A 178 -8.21 -9.08 -1.99
C ARG A 178 -7.25 -9.81 -1.05
N ILE A 179 -7.27 -9.43 0.23
CA ILE A 179 -6.46 -10.07 1.26
C ILE A 179 -7.23 -11.27 1.82
N LEU A 180 -6.62 -12.45 1.74
CA LEU A 180 -7.25 -13.69 2.17
C LEU A 180 -6.84 -14.10 3.58
N THR A 181 -5.58 -13.90 3.95
CA THR A 181 -5.08 -14.18 5.29
C THR A 181 -4.07 -13.11 5.66
N ASN A 182 -3.75 -13.01 6.95
CA ASN A 182 -2.66 -12.18 7.43
C ASN A 182 -1.66 -13.05 8.19
N TRP A 183 -0.62 -12.43 8.74
CA TRP A 183 0.43 -13.16 9.42
C TRP A 183 0.17 -13.32 10.92
N GLY A 184 -1.10 -13.29 11.34
CA GLY A 184 -1.51 -13.73 12.66
C GLY A 184 -2.02 -12.66 13.59
N HIS A 185 -2.05 -11.39 13.21
CA HIS A 185 -2.52 -10.38 14.13
C HIS A 185 -3.99 -10.63 14.44
N PRO A 186 -4.39 -10.65 15.72
CA PRO A 186 -5.75 -11.05 16.07
C PRO A 186 -6.80 -9.97 15.92
N GLU A 187 -6.42 -8.72 15.64
CA GLU A 187 -7.38 -7.63 15.55
C GLU A 187 -7.52 -7.05 14.16
N TYR A 188 -6.42 -6.91 13.41
CA TYR A 188 -6.48 -6.16 12.17
C TYR A 188 -5.40 -6.63 11.20
N THR A 189 -5.49 -6.13 9.97
CA THR A 189 -4.47 -6.29 8.95
C THR A 189 -4.11 -4.90 8.45
N CYS A 190 -2.82 -4.66 8.21
CA CYS A 190 -2.31 -3.35 7.84
C CYS A 190 -1.72 -3.46 6.44
N ILE A 191 -2.15 -2.57 5.54
CA ILE A 191 -1.60 -2.51 4.18
C ILE A 191 -0.83 -1.19 4.05
N TYR A 192 0.50 -1.28 3.82
CA TYR A 192 1.31 -0.07 3.71
C TYR A 192 1.27 0.52 2.31
N ARG A 193 1.57 -0.28 1.27
CA ARG A 193 1.47 0.27 -0.08
C ARG A 193 1.31 -0.85 -1.10
N PHE A 194 0.43 -0.60 -2.06
CA PHE A 194 0.09 -1.52 -3.14
C PHE A 194 0.41 -0.84 -4.47
N ARG A 195 1.17 -1.50 -5.34
CA ARG A 195 1.52 -0.97 -6.65
C ARG A 195 1.07 -1.92 -7.74
N VAL A 196 0.72 -1.36 -8.91
CA VAL A 196 0.37 -2.18 -10.07
C VAL A 196 1.21 -1.74 -11.26
N HIS A 197 1.85 -2.72 -11.93
CA HIS A 197 2.77 -2.47 -13.04
C HIS A 197 2.21 -3.12 -14.30
N GLY A 198 2.53 -2.54 -15.45
CA GLY A 198 2.12 -3.16 -16.69
C GLY A 198 2.37 -2.30 -17.91
N GLU A 199 1.75 -2.68 -19.02
CA GLU A 199 1.99 -2.03 -20.30
C GLU A 199 0.82 -1.13 -20.69
N PRO A 200 1.06 0.14 -20.97
CA PRO A 200 -0.03 1.03 -21.39
C PRO A 200 -0.44 0.74 -22.83
N ALA A 201 -1.49 1.45 -23.26
CA ALA A 201 -1.95 1.32 -24.64
C ALA A 201 -1.15 2.21 -25.58
N ALA B 19 -5.15 32.01 19.11
N ALA B 19 -3.95 37.11 11.07
CA ALA B 19 -4.00 31.61 19.93
CA ALA B 19 -4.41 36.60 12.35
C ALA B 19 -2.69 31.99 19.27
C ALA B 19 -3.40 35.59 12.92
N ARG B 20 -1.63 31.99 20.08
N ARG B 20 -3.69 35.08 14.13
CA ARG B 20 -0.33 32.50 19.63
CA ARG B 20 -2.72 34.49 15.04
C ARG B 20 0.27 31.63 18.53
C ARG B 20 -2.09 33.20 14.48
N SER B 21 0.20 30.30 18.68
N SER B 21 -1.16 32.64 15.25
CA SER B 21 0.81 29.35 17.78
CA SER B 21 -0.55 31.39 14.84
C SER B 21 -0.29 28.52 17.14
C SER B 21 -1.36 30.21 15.37
N PHE B 22 -0.45 28.65 15.83
N PHE B 22 -0.83 29.00 15.21
CA PHE B 22 -1.53 27.94 15.13
CA PHE B 22 -1.74 27.94 14.79
C PHE B 22 -1.06 26.53 14.78
C PHE B 22 -1.11 26.56 14.71
N THR B 23 -1.83 25.54 15.21
CA THR B 23 -1.49 24.14 14.91
C THR B 23 -2.59 23.19 15.37
N LEU B 24 -2.94 22.23 14.52
N LEU B 24 -2.99 22.27 14.51
CA LEU B 24 -3.78 21.13 14.98
CA LEU B 24 -3.72 21.10 14.97
C LEU B 24 -2.93 20.18 15.83
C LEU B 24 -2.84 20.31 15.93
N MET B 25 -3.43 19.83 17.02
CA MET B 25 -2.72 18.97 17.94
C MET B 25 -3.20 17.53 17.80
N LEU B 26 -2.26 16.58 17.93
CA LEU B 26 -2.54 15.15 17.85
C LEU B 26 -2.12 14.50 19.17
N ARG B 27 -3.04 13.77 19.79
CA ARG B 27 -2.76 13.06 21.03
C ARG B 27 -3.23 11.62 20.87
N TYR B 28 -2.38 10.67 21.25
CA TYR B 28 -2.75 9.27 21.31
C TYR B 28 -3.01 8.87 22.75
N ASN B 29 -4.02 8.03 22.96
CA ASN B 29 -4.16 7.37 24.26
C ASN B 29 -3.99 5.87 24.14
N GLY B 30 -3.42 5.41 23.02
CA GLY B 30 -3.22 4.01 22.74
C GLY B 30 -2.61 3.90 21.36
N PRO B 31 -2.01 2.77 21.05
CA PRO B 31 -1.27 2.64 19.79
C PRO B 31 -2.22 2.55 18.61
N PRO B 32 -1.90 3.22 17.51
CA PRO B 32 -2.65 3.03 16.27
C PRO B 32 -2.22 1.75 15.60
N PRO B 33 -2.94 1.29 14.58
CA PRO B 33 -2.50 0.10 13.85
C PRO B 33 -1.16 0.33 13.16
N THR B 34 -0.27 -0.66 13.26
CA THR B 34 1.01 -0.61 12.56
C THR B 34 1.35 -1.98 11.97
#